data_2YCZ
#
_entry.id   2YCZ
#
_cell.length_a   177.855
_cell.length_b   56.298
_cell.length_c   110.939
_cell.angle_alpha   90.00
_cell.angle_beta   116.39
_cell.angle_gamma   90.00
#
_symmetry.space_group_name_H-M   'C 1 2 1'
#
loop_
_entity.id
_entity.type
_entity.pdbx_description
1 polymer 'BETA-1 ADRENERGIC RECEPTOR'
2 non-polymer 4-{[(2S)-3-(tert-butylamino)-2-hydroxypropyl]oxy}-3-iodo-1H-indole-2-carbonitrile
3 non-polymer 'octyl 1-thio-beta-D-glucopyranoside'
#
_entity_poly.entity_id   1
_entity_poly.type   'polypeptide(L)'
_entity_poly.pdbx_seq_one_letter_code
;MGAELLSQQWEAGMSLLMALVVLLIVAGNVLVIAAIGSTQRLQTLTNLFITSLACADLVVGLLVVPFGATLVVRGTWLWG
SFLCELWTSLDVLCVTASIETLCVIAIDRYLAITSPFRYQSLMTRARAKVIICTVWAISALVSFLPIMMHWWRDEDPQAL
KCYQDPGCCDFVTNRAYAIASSIISFYIPLLIMIFVALRVYREAKEQIRKIDRASKRKRVMLMREHKALKTLGIIMGVFT
LCWLPFFLVNIVNVFNRDLVPDWLFVAFNWLGYANSAMNPIIYCRSPDFRKAFKRLLAFPRKADRRLHHHHHH
;
_entity_poly.pdbx_strand_id   A,B
#
# COMPACT_ATOMS: atom_id res chain seq x y z
N GLN A 9 37.72 -27.21 6.00
CA GLN A 9 37.06 -27.58 4.72
C GLN A 9 35.55 -27.74 4.89
N TRP A 10 35.00 -27.03 5.88
CA TRP A 10 33.56 -27.07 6.15
C TRP A 10 32.75 -26.42 5.02
N GLU A 11 33.44 -25.68 4.16
CA GLU A 11 32.81 -25.06 2.99
C GLU A 11 32.26 -26.09 1.99
N ALA A 12 32.91 -27.25 1.91
CA ALA A 12 32.51 -28.31 0.98
C ALA A 12 31.23 -29.03 1.42
N GLY A 13 31.03 -29.14 2.73
CA GLY A 13 29.85 -29.80 3.30
C GLY A 13 28.62 -28.91 3.37
N MET A 14 28.73 -27.72 2.80
CA MET A 14 27.63 -26.76 2.77
C MET A 14 27.17 -26.47 1.35
N SER A 15 28.12 -26.34 0.43
CA SER A 15 27.85 -26.09 -0.98
C SER A 15 27.02 -27.21 -1.63
N LEU A 16 26.99 -28.36 -0.97
CA LEU A 16 26.21 -29.49 -1.44
C LEU A 16 24.72 -29.28 -1.12
N LEU A 17 24.42 -28.96 0.13
CA LEU A 17 23.04 -28.67 0.56
C LEU A 17 22.49 -27.44 -0.15
N MET A 18 23.42 -26.55 -0.50
CA MET A 18 23.08 -25.29 -1.16
C MET A 18 22.80 -25.50 -2.63
N ALA A 19 23.63 -26.33 -3.27
CA ALA A 19 23.40 -26.70 -4.66
C ALA A 19 22.18 -27.63 -4.77
N LEU A 20 21.87 -28.29 -3.66
CA LEU A 20 20.75 -29.23 -3.57
C LEU A 20 19.42 -28.47 -3.52
N VAL A 21 19.36 -27.48 -2.64
CA VAL A 21 18.16 -26.66 -2.47
C VAL A 21 17.88 -25.77 -3.69
N VAL A 22 18.95 -25.31 -4.33
CA VAL A 22 18.81 -24.56 -5.59
C VAL A 22 18.20 -25.45 -6.65
N LEU A 23 18.60 -26.72 -6.62
CA LEU A 23 18.06 -27.70 -7.55
C LEU A 23 16.56 -27.92 -7.33
N LEU A 24 16.19 -28.19 -6.08
CA LEU A 24 14.77 -28.41 -5.72
C LEU A 24 13.90 -27.25 -6.18
N ILE A 25 14.36 -26.04 -5.91
CA ILE A 25 13.63 -24.83 -6.26
C ILE A 25 13.44 -24.75 -7.77
N VAL A 26 14.57 -24.73 -8.47
CA VAL A 26 14.57 -24.59 -9.93
C VAL A 26 13.77 -25.71 -10.59
N ALA A 27 14.26 -26.93 -10.42
CA ALA A 27 13.61 -28.09 -11.01
C ALA A 27 12.12 -28.07 -10.72
N GLY A 28 11.79 -27.85 -9.46
CA GLY A 28 10.39 -27.89 -9.01
C GLY A 28 9.48 -26.87 -9.68
N ASN A 29 9.96 -25.62 -9.72
CA ASN A 29 9.17 -24.53 -10.30
C ASN A 29 9.17 -24.54 -11.83
N VAL A 30 10.30 -24.91 -12.43
CA VAL A 30 10.37 -25.10 -13.89
C VAL A 30 9.34 -26.17 -14.30
N LEU A 31 9.18 -27.14 -13.40
CA LEU A 31 8.24 -28.23 -13.62
C LEU A 31 6.81 -27.68 -13.59
N VAL A 32 6.51 -26.89 -12.57
CA VAL A 32 5.16 -26.38 -12.37
C VAL A 32 4.73 -25.53 -13.55
N ILE A 33 5.68 -24.80 -14.14
CA ILE A 33 5.40 -23.92 -15.29
C ILE A 33 5.18 -24.73 -16.56
N ALA A 34 5.93 -25.80 -16.67
CA ALA A 34 5.82 -26.70 -17.82
C ALA A 34 4.49 -27.46 -17.79
N ALA A 35 4.12 -27.96 -16.60
CA ALA A 35 2.89 -28.72 -16.40
C ALA A 35 1.66 -27.94 -16.81
N ILE A 36 1.70 -26.64 -16.59
CA ILE A 36 0.59 -25.77 -16.94
C ILE A 36 0.71 -25.33 -18.38
N GLY A 37 1.94 -25.08 -18.83
CA GLY A 37 2.22 -24.64 -20.20
C GLY A 37 1.88 -25.69 -21.25
N SER A 38 2.02 -26.96 -20.87
CA SER A 38 1.71 -28.09 -21.74
C SER A 38 0.23 -28.47 -21.68
N THR A 39 -0.17 -29.06 -20.55
CA THR A 39 -1.52 -29.56 -20.35
C THR A 39 -2.54 -28.47 -20.38
N GLN A 40 -3.46 -28.54 -21.35
CA GLN A 40 -4.55 -27.57 -21.50
C GLN A 40 -5.54 -27.69 -20.35
N ARG A 41 -5.62 -28.89 -19.77
CA ARG A 41 -6.50 -29.16 -18.64
C ARG A 41 -6.10 -28.37 -17.40
N LEU A 42 -4.83 -27.98 -17.34
CA LEU A 42 -4.29 -27.20 -16.21
C LEU A 42 -4.24 -25.69 -16.51
N GLN A 43 -4.67 -25.31 -17.70
CA GLN A 43 -4.62 -23.90 -18.10
C GLN A 43 -5.84 -23.12 -17.65
N THR A 44 -6.16 -23.21 -16.38
CA THR A 44 -7.32 -22.51 -15.82
C THR A 44 -6.92 -21.05 -15.49
N LEU A 45 -7.85 -20.31 -14.90
CA LEU A 45 -7.59 -18.91 -14.47
C LEU A 45 -6.65 -18.86 -13.26
N THR A 46 -7.09 -19.46 -12.16
CA THR A 46 -6.31 -19.50 -10.94
C THR A 46 -4.90 -20.04 -11.21
N ASN A 47 -4.79 -20.98 -12.16
CA ASN A 47 -3.50 -21.58 -12.51
C ASN A 47 -2.61 -20.66 -13.34
N LEU A 48 -3.09 -19.45 -13.57
CA LEU A 48 -2.25 -18.39 -14.16
C LEU A 48 -1.51 -17.63 -13.07
N PHE A 49 -2.22 -17.36 -11.98
CA PHE A 49 -1.60 -16.76 -10.82
C PHE A 49 -0.55 -17.72 -10.25
N ILE A 50 -0.87 -19.01 -10.24
CA ILE A 50 0.04 -20.02 -9.76
C ILE A 50 1.29 -20.03 -10.59
N THR A 51 1.14 -19.70 -11.87
CA THR A 51 2.30 -19.59 -12.76
C THR A 51 3.22 -18.44 -12.35
N SER A 52 2.61 -17.32 -11.99
CA SER A 52 3.34 -16.11 -11.55
C SER A 52 4.22 -16.49 -10.35
N LEU A 53 3.65 -17.21 -9.40
CA LEU A 53 4.39 -17.64 -8.22
C LEU A 53 5.55 -18.50 -8.63
N ALA A 54 5.31 -19.43 -9.55
CA ALA A 54 6.36 -20.32 -10.01
C ALA A 54 7.54 -19.52 -10.57
N CYS A 55 7.24 -18.31 -11.07
CA CYS A 55 8.27 -17.43 -11.63
C CYS A 55 9.02 -16.66 -10.54
N ALA A 56 8.25 -16.05 -9.65
CA ALA A 56 8.85 -15.34 -8.52
C ALA A 56 9.79 -16.29 -7.76
N ASP A 57 9.31 -17.51 -7.53
CA ASP A 57 10.02 -18.50 -6.75
C ASP A 57 11.15 -19.05 -7.55
N LEU A 58 11.08 -18.92 -8.86
CA LEU A 58 12.18 -19.37 -9.72
C LEU A 58 13.35 -18.39 -9.69
N VAL A 59 13.04 -17.12 -9.91
CA VAL A 59 14.02 -16.02 -9.83
C VAL A 59 14.82 -16.08 -8.52
N VAL A 60 14.15 -16.44 -7.44
CA VAL A 60 14.79 -16.62 -6.14
C VAL A 60 15.88 -17.68 -6.19
N GLY A 61 15.53 -18.84 -6.72
CA GLY A 61 16.48 -19.96 -6.82
C GLY A 61 17.63 -19.68 -7.79
N LEU A 62 17.34 -18.94 -8.85
CA LEU A 62 18.31 -18.67 -9.91
C LEU A 62 19.28 -17.55 -9.56
N LEU A 63 18.81 -16.56 -8.81
CA LEU A 63 19.61 -15.38 -8.51
C LEU A 63 19.75 -15.08 -7.02
N VAL A 64 18.62 -14.97 -6.33
CA VAL A 64 18.65 -14.58 -4.92
C VAL A 64 19.38 -15.61 -4.03
N VAL A 65 19.13 -16.88 -4.24
CA VAL A 65 19.75 -17.92 -3.41
C VAL A 65 21.23 -18.19 -3.71
N PRO A 66 21.59 -18.32 -4.99
CA PRO A 66 23.00 -18.48 -5.34
C PRO A 66 23.90 -17.41 -4.70
N PHE A 67 23.63 -16.14 -4.99
CA PHE A 67 24.39 -15.03 -4.42
C PHE A 67 24.33 -15.05 -2.90
N GLY A 68 23.13 -15.18 -2.36
CA GLY A 68 22.95 -15.25 -0.91
C GLY A 68 23.66 -16.43 -0.24
N ALA A 69 24.05 -17.41 -1.04
CA ALA A 69 24.74 -18.59 -0.56
C ALA A 69 26.23 -18.30 -0.38
N THR A 70 26.80 -17.57 -1.33
CA THR A 70 28.23 -17.18 -1.28
C THR A 70 28.51 -16.18 -0.14
N LEU A 71 27.48 -15.47 0.29
CA LEU A 71 27.59 -14.48 1.37
C LEU A 71 27.58 -15.15 2.72
N VAL A 72 26.98 -16.33 2.80
CA VAL A 72 26.94 -17.10 4.04
C VAL A 72 28.13 -18.03 4.12
N VAL A 73 28.45 -18.67 3.00
CA VAL A 73 29.58 -19.61 2.92
C VAL A 73 30.93 -18.92 3.16
N ARG A 74 31.21 -17.89 2.37
CA ARG A 74 32.45 -17.13 2.51
C ARG A 74 32.39 -16.13 3.65
N GLY A 75 31.20 -15.70 4.02
CA GLY A 75 31.02 -14.72 5.09
C GLY A 75 31.28 -13.30 4.62
N THR A 76 31.47 -13.12 3.31
CA THR A 76 31.76 -11.80 2.73
C THR A 76 31.19 -11.70 1.32
N TRP A 77 30.70 -10.50 0.99
CA TRP A 77 30.12 -10.24 -0.33
C TRP A 77 31.23 -10.00 -1.32
N LEU A 78 31.26 -10.83 -2.37
CA LEU A 78 32.37 -10.85 -3.31
C LEU A 78 32.01 -10.31 -4.69
N TRP A 79 30.83 -9.73 -4.82
CA TRP A 79 30.35 -9.35 -6.14
C TRP A 79 30.16 -7.84 -6.33
N GLY A 80 30.77 -7.06 -5.44
CA GLY A 80 30.78 -5.60 -5.59
C GLY A 80 29.65 -4.89 -4.86
N SER A 81 29.72 -3.57 -4.84
CA SER A 81 28.73 -2.75 -4.14
C SER A 81 27.42 -2.61 -4.92
N PHE A 82 27.52 -2.84 -6.23
CA PHE A 82 26.36 -2.73 -7.11
C PHE A 82 25.46 -3.97 -7.03
N LEU A 83 26.04 -5.11 -7.36
CA LEU A 83 25.31 -6.37 -7.26
C LEU A 83 24.82 -6.59 -5.85
N CYS A 84 25.37 -5.88 -4.88
CA CYS A 84 24.88 -5.91 -3.51
C CYS A 84 23.45 -5.38 -3.48
N GLU A 85 23.29 -4.12 -3.89
CA GLU A 85 21.97 -3.52 -3.93
C GLU A 85 21.05 -4.18 -4.95
N LEU A 86 21.61 -4.64 -6.05
CA LEU A 86 20.82 -5.28 -7.09
C LEU A 86 20.28 -6.62 -6.58
N TRP A 87 21.12 -7.37 -5.88
CA TRP A 87 20.71 -8.65 -5.33
C TRP A 87 19.72 -8.42 -4.23
N THR A 88 19.89 -7.35 -3.49
CA THR A 88 18.96 -7.02 -2.41
C THR A 88 17.59 -6.68 -2.99
N SER A 89 17.58 -5.94 -4.10
CA SER A 89 16.33 -5.45 -4.71
C SER A 89 15.52 -6.59 -5.30
N LEU A 90 16.20 -7.54 -5.93
CA LEU A 90 15.51 -8.71 -6.48
C LEU A 90 14.95 -9.54 -5.35
N ASP A 91 15.68 -9.58 -4.25
CA ASP A 91 15.24 -10.32 -3.07
C ASP A 91 13.91 -9.76 -2.55
N VAL A 92 13.90 -8.47 -2.26
CA VAL A 92 12.72 -7.81 -1.73
C VAL A 92 11.56 -7.83 -2.73
N LEU A 93 11.88 -7.73 -4.00
CA LEU A 93 10.87 -7.75 -5.06
C LEU A 93 10.12 -9.08 -5.11
N CYS A 94 10.88 -10.17 -5.07
CA CYS A 94 10.28 -11.49 -5.17
C CYS A 94 9.32 -11.79 -4.01
N VAL A 95 9.63 -11.28 -2.83
CA VAL A 95 8.81 -11.51 -1.64
C VAL A 95 7.58 -10.63 -1.63
N THR A 96 7.69 -9.46 -2.22
CA THR A 96 6.56 -8.53 -2.35
C THR A 96 5.58 -9.04 -3.42
N ALA A 97 6.13 -9.46 -4.55
CA ALA A 97 5.33 -9.97 -5.66
C ALA A 97 4.58 -11.25 -5.30
N SER A 98 5.08 -11.96 -4.29
CA SER A 98 4.50 -13.24 -3.90
C SER A 98 3.29 -13.01 -3.03
N ILE A 99 3.49 -12.34 -1.91
CA ILE A 99 2.38 -12.08 -0.98
C ILE A 99 1.23 -11.34 -1.69
N GLU A 100 1.55 -10.57 -2.71
CA GLU A 100 0.53 -9.80 -3.43
C GLU A 100 -0.30 -10.69 -4.34
N THR A 101 0.36 -11.65 -4.96
CA THR A 101 -0.31 -12.58 -5.85
C THR A 101 -1.14 -13.56 -5.05
N LEU A 102 -0.65 -13.93 -3.87
CA LEU A 102 -1.42 -14.78 -2.95
C LEU A 102 -2.62 -14.02 -2.44
N CYS A 103 -2.49 -12.71 -2.34
CA CYS A 103 -3.58 -11.88 -1.89
C CYS A 103 -4.57 -11.72 -3.00
N VAL A 104 -4.11 -11.82 -4.23
CA VAL A 104 -5.00 -11.73 -5.38
C VAL A 104 -5.86 -12.97 -5.44
N ILE A 105 -5.20 -14.13 -5.40
CA ILE A 105 -5.86 -15.46 -5.46
C ILE A 105 -6.97 -15.59 -4.41
N ALA A 106 -6.74 -15.02 -3.23
CA ALA A 106 -7.77 -15.02 -2.18
C ALA A 106 -8.98 -14.23 -2.65
N ILE A 107 -8.77 -12.99 -3.05
CA ILE A 107 -9.87 -12.16 -3.53
C ILE A 107 -10.50 -12.77 -4.77
N ASP A 108 -9.70 -13.50 -5.53
CA ASP A 108 -10.18 -14.16 -6.75
C ASP A 108 -11.18 -15.26 -6.42
N ARG A 109 -10.75 -16.18 -5.59
CA ARG A 109 -11.58 -17.29 -5.21
C ARG A 109 -12.80 -16.81 -4.48
N TYR A 110 -12.70 -15.65 -3.86
CA TYR A 110 -13.85 -15.05 -3.18
C TYR A 110 -14.88 -14.55 -4.18
N LEU A 111 -14.45 -13.70 -5.11
CA LEU A 111 -15.36 -13.16 -6.12
C LEU A 111 -15.84 -14.24 -7.07
N ALA A 112 -15.14 -15.36 -7.13
CA ALA A 112 -15.49 -16.47 -8.04
C ALA A 112 -16.33 -17.51 -7.33
N ILE A 113 -16.62 -17.28 -6.05
CA ILE A 113 -17.40 -18.22 -5.23
C ILE A 113 -18.65 -17.55 -4.66
N THR A 114 -18.76 -16.24 -4.85
CA THR A 114 -19.90 -15.48 -4.35
C THR A 114 -20.67 -14.80 -5.47
N SER A 115 -20.03 -14.62 -6.62
CA SER A 115 -20.68 -14.00 -7.78
C SER A 115 -20.31 -14.73 -9.08
N PRO A 116 -20.60 -16.06 -9.12
CA PRO A 116 -20.23 -16.91 -10.26
C PRO A 116 -20.62 -16.29 -11.60
N PHE A 117 -21.76 -15.61 -11.63
CA PHE A 117 -22.18 -15.04 -12.89
C PHE A 117 -21.36 -13.81 -13.28
N ARG A 118 -21.30 -12.83 -12.38
CA ARG A 118 -20.55 -11.59 -12.66
C ARG A 118 -19.07 -11.89 -12.87
N TYR A 119 -18.60 -12.93 -12.18
CA TYR A 119 -17.20 -13.30 -12.26
C TYR A 119 -16.85 -13.71 -13.68
N GLN A 120 -17.67 -14.57 -14.28
CA GLN A 120 -17.39 -15.12 -15.60
C GLN A 120 -17.51 -14.06 -16.70
N SER A 121 -18.35 -13.07 -16.46
CA SER A 121 -18.62 -12.01 -17.44
C SER A 121 -17.58 -10.88 -17.36
N LEU A 122 -16.81 -10.87 -16.28
CA LEU A 122 -15.78 -9.83 -16.06
C LEU A 122 -14.36 -10.39 -16.10
N MET A 123 -14.16 -11.53 -15.44
CA MET A 123 -12.84 -12.18 -15.35
C MET A 123 -12.52 -13.09 -16.54
N THR A 124 -11.76 -12.54 -17.49
CA THR A 124 -11.27 -13.31 -18.63
C THR A 124 -9.83 -13.75 -18.39
N ARG A 125 -9.14 -14.13 -19.46
CA ARG A 125 -7.75 -14.54 -19.37
C ARG A 125 -6.86 -13.34 -19.64
N ALA A 126 -7.21 -12.56 -20.65
CA ALA A 126 -6.41 -11.39 -21.05
C ALA A 126 -6.48 -10.28 -19.99
N ARG A 127 -7.51 -10.30 -19.17
CA ARG A 127 -7.63 -9.34 -18.06
C ARG A 127 -6.80 -9.80 -16.85
N ALA A 128 -6.83 -11.10 -16.60
CA ALA A 128 -6.08 -11.65 -15.49
C ALA A 128 -4.58 -11.47 -15.70
N LYS A 129 -4.16 -11.45 -16.97
CA LYS A 129 -2.74 -11.20 -17.30
C LYS A 129 -2.36 -9.75 -17.00
N VAL A 130 -3.32 -8.85 -17.17
CA VAL A 130 -3.12 -7.46 -16.82
C VAL A 130 -2.94 -7.41 -15.31
N ILE A 131 -3.81 -8.11 -14.58
CA ILE A 131 -3.73 -8.18 -13.12
C ILE A 131 -2.34 -8.62 -12.67
N ILE A 132 -1.85 -9.68 -13.30
CA ILE A 132 -0.54 -10.22 -12.95
C ILE A 132 0.57 -9.19 -13.13
N CYS A 133 0.47 -8.41 -14.19
CA CYS A 133 1.49 -7.39 -14.46
C CYS A 133 1.35 -6.21 -13.52
N THR A 134 0.12 -5.80 -13.26
CA THR A 134 -0.14 -4.71 -12.31
C THR A 134 0.47 -5.04 -10.95
N VAL A 135 0.42 -6.31 -10.55
CA VAL A 135 1.03 -6.77 -9.29
C VAL A 135 2.55 -6.62 -9.31
N TRP A 136 3.17 -7.06 -10.41
CA TRP A 136 4.63 -6.93 -10.58
C TRP A 136 5.04 -5.47 -10.75
N ALA A 137 4.11 -4.65 -11.20
CA ALA A 137 4.39 -3.23 -11.36
C ALA A 137 4.45 -2.58 -9.98
N ILE A 138 3.48 -2.91 -9.13
CA ILE A 138 3.40 -2.29 -7.81
C ILE A 138 4.51 -2.81 -6.96
N SER A 139 4.82 -4.08 -7.11
CA SER A 139 5.87 -4.68 -6.32
C SER A 139 7.20 -4.00 -6.56
N ALA A 140 7.49 -3.67 -7.82
CA ALA A 140 8.76 -3.02 -8.17
C ALA A 140 8.78 -1.60 -7.61
N LEU A 141 7.77 -0.83 -7.95
CA LEU A 141 7.65 0.52 -7.46
C LEU A 141 7.87 0.57 -5.95
N VAL A 142 7.27 -0.36 -5.24
CA VAL A 142 7.30 -0.38 -3.76
C VAL A 142 8.61 -0.88 -3.17
N SER A 143 9.20 -1.90 -3.76
CA SER A 143 10.37 -2.51 -3.19
C SER A 143 11.66 -2.10 -3.90
N PHE A 144 11.64 -2.12 -5.22
CA PHE A 144 12.83 -1.91 -6.03
C PHE A 144 13.33 -0.46 -5.98
N LEU A 145 12.43 0.50 -6.17
CA LEU A 145 12.81 1.92 -6.23
C LEU A 145 13.35 2.48 -4.91
N PRO A 146 12.62 2.37 -3.81
CA PRO A 146 13.12 2.89 -2.54
C PRO A 146 14.53 2.43 -2.19
N ILE A 147 14.95 1.29 -2.72
CA ILE A 147 16.31 0.80 -2.51
C ILE A 147 17.27 1.53 -3.41
N MET A 148 16.86 1.70 -4.67
CA MET A 148 17.68 2.39 -5.68
C MET A 148 17.86 3.85 -5.28
N MET A 149 16.84 4.43 -4.66
CA MET A 149 16.88 5.83 -4.21
C MET A 149 17.50 5.95 -2.83
N HIS A 150 17.99 4.84 -2.30
CA HIS A 150 18.73 4.80 -1.04
C HIS A 150 17.96 5.40 0.17
N TRP A 151 16.66 5.17 0.22
CA TRP A 151 15.86 5.64 1.34
C TRP A 151 16.00 4.73 2.55
N TRP A 152 16.76 3.65 2.40
CA TRP A 152 16.93 2.66 3.46
C TRP A 152 18.16 2.94 4.32
N ARG A 153 19.11 3.66 3.75
CA ARG A 153 20.39 3.94 4.42
C ARG A 153 20.21 4.61 5.77
N ASP A 154 21.08 4.27 6.70
CA ASP A 154 21.05 4.88 8.02
C ASP A 154 22.21 5.86 8.14
N GLU A 155 22.06 6.85 9.01
CA GLU A 155 23.10 7.87 9.23
C GLU A 155 24.11 7.41 10.29
N ASP A 156 23.79 6.31 10.97
CA ASP A 156 24.65 5.73 11.98
C ASP A 156 26.08 5.63 11.44
N PRO A 157 27.07 6.17 12.17
CA PRO A 157 28.50 6.04 11.82
C PRO A 157 28.91 4.59 11.50
N GLN A 158 28.34 3.63 12.21
CA GLN A 158 28.61 2.21 11.92
C GLN A 158 27.98 1.78 10.59
N ALA A 159 26.78 2.25 10.33
CA ALA A 159 26.08 1.93 9.09
C ALA A 159 26.83 2.52 7.90
N LEU A 160 27.26 3.78 8.02
CA LEU A 160 28.02 4.49 6.97
C LEU A 160 29.31 3.77 6.64
N LYS A 161 29.78 2.99 7.60
CA LYS A 161 30.99 2.19 7.43
C LYS A 161 30.78 1.00 6.50
N CYS A 162 29.57 0.42 6.57
CA CYS A 162 29.25 -0.78 5.78
C CYS A 162 28.85 -0.47 4.32
N TYR A 163 28.50 0.80 4.06
CA TYR A 163 28.12 1.21 2.71
C TYR A 163 29.36 1.43 1.85
N GLN A 164 30.42 1.95 2.46
CA GLN A 164 31.68 2.19 1.74
C GLN A 164 32.46 0.91 1.53
N ASP A 165 32.01 -0.17 2.16
CA ASP A 165 32.66 -1.47 2.08
C ASP A 165 31.93 -2.36 1.09
N PRO A 166 32.55 -2.62 -0.08
CA PRO A 166 32.01 -3.50 -1.12
C PRO A 166 31.90 -4.96 -0.67
N GLY A 167 32.75 -5.35 0.26
CA GLY A 167 32.76 -6.70 0.78
C GLY A 167 31.67 -6.93 1.80
N CYS A 168 31.07 -5.84 2.26
CA CYS A 168 29.98 -5.90 3.25
C CYS A 168 28.66 -5.55 2.57
N CYS A 169 27.75 -6.53 2.53
CA CYS A 169 26.43 -6.37 1.91
C CYS A 169 25.31 -6.62 2.90
N ASP A 170 25.42 -6.03 4.07
CA ASP A 170 24.39 -6.16 5.11
C ASP A 170 23.29 -5.16 4.82
N PHE A 171 22.05 -5.58 5.06
CA PHE A 171 20.90 -4.71 4.81
C PHE A 171 20.58 -3.85 6.03
N VAL A 172 21.58 -3.09 6.45
CA VAL A 172 21.41 -2.17 7.56
C VAL A 172 20.53 -1.00 7.12
N THR A 173 19.35 -0.91 7.71
CA THR A 173 18.36 0.12 7.37
C THR A 173 17.90 0.94 8.57
N ASN A 174 17.52 2.17 8.32
CA ASN A 174 17.00 3.02 9.37
C ASN A 174 15.70 2.41 9.91
N ARG A 175 15.13 3.00 10.93
CA ARG A 175 13.94 2.43 11.54
C ARG A 175 12.67 2.90 10.85
N ALA A 176 12.73 4.05 10.18
CA ALA A 176 11.59 4.57 9.43
C ALA A 176 11.25 3.68 8.25
N TYR A 177 12.28 3.29 7.53
CA TYR A 177 12.12 2.38 6.41
C TYR A 177 11.68 1.01 6.94
N ALA A 178 12.48 0.47 7.84
CA ALA A 178 12.25 -0.85 8.40
C ALA A 178 10.79 -1.10 8.69
N ILE A 179 10.12 -0.06 9.20
CA ILE A 179 8.71 -0.19 9.56
C ILE A 179 7.82 -0.10 8.33
N ALA A 180 7.93 1.00 7.60
CA ALA A 180 7.06 1.23 6.45
C ALA A 180 7.22 0.13 5.40
N SER A 181 8.45 -0.17 5.02
CA SER A 181 8.71 -1.15 3.97
C SER A 181 8.16 -2.51 4.32
N SER A 182 8.18 -2.87 5.59
CA SER A 182 7.69 -4.18 6.02
C SER A 182 6.17 -4.17 6.03
N ILE A 183 5.58 -3.07 6.45
CA ILE A 183 4.11 -2.93 6.44
C ILE A 183 3.56 -3.05 5.03
N ILE A 184 4.09 -2.18 4.16
CA ILE A 184 3.68 -2.10 2.75
C ILE A 184 3.93 -3.42 1.99
N SER A 185 5.11 -3.97 2.14
CA SER A 185 5.48 -5.11 1.32
C SER A 185 4.97 -6.40 1.86
N PHE A 186 4.61 -6.43 3.15
CA PHE A 186 4.26 -7.71 3.80
C PHE A 186 2.98 -7.62 4.59
N TYR A 187 2.96 -6.82 5.64
CA TYR A 187 1.86 -6.85 6.62
C TYR A 187 0.48 -6.50 6.04
N ILE A 188 0.39 -5.40 5.31
CA ILE A 188 -0.89 -5.01 4.70
C ILE A 188 -1.39 -6.08 3.73
N PRO A 189 -0.57 -6.52 2.78
CA PRO A 189 -1.01 -7.59 1.90
C PRO A 189 -1.35 -8.87 2.65
N LEU A 190 -0.68 -9.12 3.76
CA LEU A 190 -0.88 -10.36 4.50
C LEU A 190 -2.20 -10.31 5.23
N LEU A 191 -2.46 -9.22 5.90
CA LEU A 191 -3.71 -9.09 6.64
C LEU A 191 -4.91 -9.20 5.68
N ILE A 192 -4.83 -8.48 4.57
CA ILE A 192 -5.87 -8.55 3.56
C ILE A 192 -6.04 -9.97 3.10
N MET A 193 -4.93 -10.65 2.83
CA MET A 193 -4.96 -12.06 2.34
C MET A 193 -5.59 -12.98 3.36
N ILE A 194 -5.22 -12.81 4.63
CA ILE A 194 -5.76 -13.66 5.71
C ILE A 194 -7.25 -13.43 5.90
N PHE A 195 -7.64 -12.17 6.07
CA PHE A 195 -9.05 -11.82 6.24
C PHE A 195 -9.92 -12.46 5.13
N VAL A 196 -9.58 -12.19 3.88
CA VAL A 196 -10.33 -12.72 2.74
C VAL A 196 -10.21 -14.24 2.65
N ALA A 197 -9.07 -14.79 3.03
CA ALA A 197 -8.88 -16.26 3.02
C ALA A 197 -9.71 -16.93 4.12
N LEU A 198 -10.27 -16.12 5.03
CA LEU A 198 -11.18 -16.62 6.06
C LEU A 198 -12.63 -16.47 5.63
N ARG A 199 -12.91 -15.41 4.88
CA ARG A 199 -14.23 -15.21 4.28
C ARG A 199 -14.57 -16.26 3.22
N VAL A 200 -13.55 -16.83 2.61
CA VAL A 200 -13.71 -17.89 1.61
C VAL A 200 -13.75 -19.27 2.26
N TYR A 201 -13.38 -19.35 3.53
CA TYR A 201 -13.48 -20.59 4.28
C TYR A 201 -14.85 -20.72 4.94
N ARG A 202 -15.58 -19.62 4.98
CA ARG A 202 -16.94 -19.61 5.52
C ARG A 202 -17.98 -19.91 4.42
N GLU A 203 -17.84 -19.24 3.28
CA GLU A 203 -18.73 -19.46 2.14
C GLU A 203 -18.54 -20.85 1.56
N ALA A 204 -17.29 -21.30 1.48
CA ALA A 204 -16.98 -22.65 0.99
C ALA A 204 -17.35 -23.71 2.01
N LYS A 205 -17.67 -23.27 3.22
CA LYS A 205 -18.17 -24.17 4.26
C LYS A 205 -19.70 -24.23 4.25
N GLU A 206 -20.33 -23.10 3.96
CA GLU A 206 -21.79 -23.00 3.87
C GLU A 206 -22.33 -23.60 2.58
N GLN A 207 -21.48 -23.69 1.57
CA GLN A 207 -21.85 -24.32 0.30
C GLN A 207 -21.89 -25.83 0.44
N ILE A 208 -20.94 -26.39 1.20
CA ILE A 208 -20.91 -27.83 1.50
C ILE A 208 -21.82 -28.12 2.69
N ARG A 209 -22.37 -27.06 3.26
CA ARG A 209 -23.32 -27.17 4.36
C ARG A 209 -24.75 -27.29 3.80
N LYS A 210 -25.07 -26.42 2.84
CA LYS A 210 -26.38 -26.38 2.19
C LYS A 210 -26.32 -27.18 0.91
N ILE A 211 -25.94 -28.45 1.13
CA ILE A 211 -25.62 -29.45 0.11
C ILE A 211 -26.22 -30.80 0.46
N ASP A 212 -27.20 -30.81 1.38
CA ASP A 212 -27.96 -32.04 1.66
C ASP A 212 -28.73 -32.45 0.41
N ARG A 213 -28.76 -31.56 -0.58
CA ARG A 213 -29.39 -31.84 -1.86
C ARG A 213 -28.31 -32.15 -2.89
N ALA A 214 -28.26 -31.36 -3.96
CA ALA A 214 -27.30 -31.53 -5.02
C ALA A 214 -27.45 -32.90 -5.66
N SER A 215 -26.33 -33.56 -5.95
CA SER A 215 -26.34 -34.86 -6.61
C SER A 215 -24.91 -35.32 -6.80
N LYS A 216 -24.72 -36.47 -7.44
CA LYS A 216 -23.38 -36.92 -7.81
C LYS A 216 -22.85 -36.14 -9.02
N ARG A 217 -23.51 -35.03 -9.33
CA ARG A 217 -23.01 -34.07 -10.30
C ARG A 217 -22.61 -32.79 -9.58
N LYS A 218 -23.50 -32.29 -8.72
CA LYS A 218 -23.31 -31.02 -7.99
C LYS A 218 -22.44 -31.19 -6.75
N ARG A 219 -22.35 -32.41 -6.22
CA ARG A 219 -21.47 -32.71 -5.10
C ARG A 219 -20.10 -33.10 -5.59
N VAL A 220 -20.03 -33.60 -6.82
CA VAL A 220 -18.74 -33.89 -7.45
C VAL A 220 -18.01 -32.61 -7.86
N MET A 221 -18.75 -31.63 -8.38
CA MET A 221 -18.17 -30.31 -8.69
C MET A 221 -17.94 -29.42 -7.46
N LEU A 222 -18.50 -29.82 -6.31
CA LEU A 222 -18.20 -29.21 -5.00
C LEU A 222 -17.18 -30.05 -4.23
N MET A 223 -16.78 -31.17 -4.81
CA MET A 223 -15.75 -32.02 -4.24
C MET A 223 -14.41 -31.72 -4.90
N ARG A 224 -14.44 -31.20 -6.12
CA ARG A 224 -13.24 -30.76 -6.82
C ARG A 224 -12.90 -29.31 -6.48
N GLU A 225 -13.95 -28.49 -6.29
CA GLU A 225 -13.80 -27.05 -6.10
C GLU A 225 -13.70 -26.66 -4.64
N HIS A 226 -13.72 -27.65 -3.76
CA HIS A 226 -13.35 -27.42 -2.37
C HIS A 226 -11.97 -27.98 -2.15
N LYS A 227 -11.61 -28.86 -3.05
CA LYS A 227 -10.41 -29.65 -2.89
C LYS A 227 -9.18 -28.91 -3.40
N ALA A 228 -9.38 -28.05 -4.40
CA ALA A 228 -8.33 -27.15 -4.86
C ALA A 228 -8.19 -26.03 -3.86
N LEU A 229 -9.33 -25.51 -3.39
CA LEU A 229 -9.33 -24.45 -2.37
C LEU A 229 -8.56 -24.81 -1.10
N LYS A 230 -8.35 -26.10 -0.88
CA LYS A 230 -7.56 -26.55 0.24
C LYS A 230 -6.11 -26.36 -0.13
N THR A 231 -5.74 -26.80 -1.32
CA THR A 231 -4.34 -26.69 -1.76
C THR A 231 -3.89 -25.24 -1.74
N LEU A 232 -4.80 -24.33 -2.04
CA LEU A 232 -4.49 -22.90 -1.97
C LEU A 232 -4.29 -22.45 -0.54
N GLY A 233 -5.15 -22.92 0.34
CA GLY A 233 -5.05 -22.59 1.76
C GLY A 233 -3.76 -23.11 2.37
N ILE A 234 -3.24 -24.17 1.78
CA ILE A 234 -1.98 -24.74 2.22
C ILE A 234 -0.81 -23.89 1.73
N ILE A 235 -0.91 -23.44 0.49
CA ILE A 235 0.09 -22.52 -0.09
C ILE A 235 0.20 -21.24 0.73
N MET A 236 -0.96 -20.63 0.99
CA MET A 236 -1.02 -19.40 1.78
C MET A 236 -0.53 -19.65 3.21
N GLY A 237 -0.86 -20.82 3.72
CA GLY A 237 -0.51 -21.16 5.08
C GLY A 237 0.97 -21.30 5.25
N VAL A 238 1.54 -22.27 4.54
CA VAL A 238 2.98 -22.57 4.59
C VAL A 238 3.82 -21.31 4.33
N PHE A 239 3.43 -20.55 3.31
CA PHE A 239 4.10 -19.28 3.00
C PHE A 239 4.17 -18.36 4.20
N THR A 240 3.07 -18.22 4.93
CA THR A 240 3.06 -17.39 6.15
C THR A 240 4.02 -17.94 7.22
N LEU A 241 4.05 -19.24 7.39
CA LEU A 241 4.91 -19.86 8.38
C LEU A 241 6.37 -19.61 8.08
N CYS A 242 6.72 -19.45 6.81
CA CYS A 242 8.12 -19.29 6.40
C CYS A 242 8.60 -17.84 6.45
N TRP A 243 7.66 -16.90 6.35
CA TRP A 243 8.01 -15.48 6.29
C TRP A 243 7.58 -14.67 7.47
N LEU A 244 6.57 -15.12 8.21
CA LEU A 244 6.11 -14.36 9.38
C LEU A 244 7.17 -14.29 10.48
N PRO A 245 7.87 -15.41 10.73
CA PRO A 245 8.98 -15.37 11.70
C PRO A 245 9.96 -14.25 11.38
N PHE A 246 10.46 -14.28 10.15
CA PHE A 246 11.47 -13.33 9.70
C PHE A 246 11.04 -11.89 9.95
N PHE A 247 9.78 -11.60 9.69
CA PHE A 247 9.27 -10.23 9.77
C PHE A 247 8.92 -9.81 11.20
N LEU A 248 8.63 -10.78 12.04
CA LEU A 248 8.44 -10.48 13.45
C LEU A 248 9.75 -9.98 14.07
N VAL A 249 10.78 -10.81 13.90
CA VAL A 249 12.15 -10.46 14.32
C VAL A 249 12.60 -9.13 13.71
N ASN A 250 12.31 -8.96 12.43
CA ASN A 250 12.67 -7.73 11.73
C ASN A 250 12.15 -6.49 12.45
N ILE A 251 10.96 -6.60 13.03
CA ILE A 251 10.36 -5.48 13.76
C ILE A 251 10.90 -5.38 15.17
N VAL A 252 11.17 -6.52 15.77
CA VAL A 252 11.77 -6.56 17.11
C VAL A 252 12.99 -5.64 17.17
N ASN A 253 13.89 -5.75 16.19
CA ASN A 253 15.09 -4.92 16.14
C ASN A 253 14.76 -3.42 16.12
N VAL A 254 13.67 -3.09 15.46
CA VAL A 254 13.25 -1.70 15.38
C VAL A 254 12.97 -1.13 16.77
N PHE A 255 12.53 -2.01 17.67
CA PHE A 255 12.19 -1.64 19.05
C PHE A 255 13.35 -1.83 20.00
N ASN A 256 14.09 -2.92 19.80
CA ASN A 256 15.18 -3.28 20.71
C ASN A 256 16.25 -4.14 20.04
N ARG A 257 17.30 -3.50 19.52
CA ARG A 257 18.38 -4.22 18.87
C ARG A 257 19.16 -4.98 19.90
N ASP A 258 20.06 -5.83 19.42
CA ASP A 258 20.89 -6.69 20.29
C ASP A 258 20.05 -7.67 21.15
N LEU A 259 18.75 -7.73 20.86
CA LEU A 259 17.84 -8.63 21.56
C LEU A 259 17.71 -9.96 20.79
N VAL A 260 17.93 -9.90 19.49
CA VAL A 260 17.89 -11.09 18.65
C VAL A 260 19.24 -11.32 17.95
N PRO A 261 19.86 -12.48 18.24
CA PRO A 261 21.13 -12.86 17.62
C PRO A 261 21.11 -12.81 16.09
N ASP A 262 22.18 -12.29 15.52
CA ASP A 262 22.30 -12.11 14.06
C ASP A 262 22.24 -13.45 13.31
N TRP A 263 22.77 -14.50 13.93
CA TRP A 263 22.76 -15.81 13.31
C TRP A 263 21.32 -16.27 13.12
N LEU A 264 20.43 -15.84 14.01
CA LEU A 264 19.03 -16.24 13.96
C LEU A 264 18.28 -15.44 12.91
N PHE A 265 18.58 -14.15 12.86
CA PHE A 265 17.98 -13.26 11.87
C PHE A 265 18.24 -13.81 10.47
N VAL A 266 19.36 -14.50 10.31
CA VAL A 266 19.70 -15.10 9.01
C VAL A 266 19.03 -16.46 8.89
N ALA A 267 18.77 -17.08 10.02
CA ALA A 267 18.11 -18.36 10.05
C ALA A 267 16.70 -18.25 9.50
N PHE A 268 15.92 -17.39 10.14
CA PHE A 268 14.55 -17.16 9.71
C PHE A 268 14.44 -16.64 8.29
N ASN A 269 15.52 -16.03 7.81
CA ASN A 269 15.58 -15.55 6.44
C ASN A 269 15.67 -16.71 5.45
N TRP A 270 16.47 -17.73 5.78
CA TRP A 270 16.59 -18.91 4.95
C TRP A 270 15.38 -19.80 5.06
N LEU A 271 14.63 -19.63 6.15
CA LEU A 271 13.37 -20.33 6.32
C LEU A 271 12.45 -19.90 5.19
N GLY A 272 12.41 -18.59 4.96
CA GLY A 272 11.57 -17.98 3.91
C GLY A 272 12.10 -18.24 2.52
N TYR A 273 13.37 -18.56 2.42
CA TYR A 273 13.95 -18.98 1.15
C TYR A 273 13.45 -20.38 0.75
N ALA A 274 13.37 -21.28 1.72
CA ALA A 274 12.96 -22.66 1.45
C ALA A 274 11.54 -22.73 0.92
N ASN A 275 10.76 -21.70 1.28
CA ASN A 275 9.36 -21.62 0.86
C ASN A 275 9.16 -21.64 -0.66
N SER A 276 10.21 -21.30 -1.39
CA SER A 276 10.16 -21.28 -2.85
C SER A 276 10.12 -22.67 -3.45
N ALA A 277 10.70 -23.64 -2.76
CA ALA A 277 10.73 -25.03 -3.21
C ALA A 277 9.54 -25.84 -2.69
N MET A 278 8.85 -25.30 -1.69
CA MET A 278 7.72 -25.98 -1.06
C MET A 278 6.47 -26.02 -1.91
N ASN A 279 6.38 -25.14 -2.89
CA ASN A 279 5.20 -25.08 -3.73
C ASN A 279 4.99 -26.30 -4.64
N PRO A 280 5.98 -26.64 -5.49
CA PRO A 280 5.83 -27.76 -6.41
C PRO A 280 5.50 -29.08 -5.70
N ILE A 281 6.04 -29.22 -4.49
CA ILE A 281 5.79 -30.40 -3.68
C ILE A 281 4.33 -30.48 -3.26
N ILE A 282 3.73 -29.35 -2.91
CA ILE A 282 2.34 -29.33 -2.45
C ILE A 282 1.36 -29.49 -3.61
N TYR A 283 1.80 -29.18 -4.81
CA TYR A 283 0.95 -29.35 -5.98
C TYR A 283 0.73 -30.83 -6.37
N CYS A 284 1.46 -31.73 -5.72
CA CYS A 284 1.29 -33.16 -5.98
C CYS A 284 0.08 -33.72 -5.27
N ARG A 285 -0.66 -32.86 -4.57
CA ARG A 285 -1.95 -33.24 -4.00
C ARG A 285 -3.00 -33.39 -5.10
N SER A 286 -2.95 -32.47 -6.06
CA SER A 286 -3.86 -32.51 -7.21
C SER A 286 -3.50 -33.65 -8.15
N PRO A 287 -4.49 -34.52 -8.48
CA PRO A 287 -4.28 -35.64 -9.40
C PRO A 287 -3.74 -35.17 -10.75
N ASP A 288 -4.29 -34.07 -11.26
CA ASP A 288 -3.88 -33.51 -12.56
C ASP A 288 -2.39 -33.23 -12.56
N PHE A 289 -1.95 -32.38 -11.64
CA PHE A 289 -0.53 -32.02 -11.51
C PHE A 289 0.31 -33.27 -11.36
N ARG A 290 -0.09 -34.12 -10.42
CA ARG A 290 0.64 -35.35 -10.13
C ARG A 290 0.85 -36.21 -11.37
N LYS A 291 -0.13 -36.20 -12.26
CA LYS A 291 -0.04 -36.98 -13.52
C LYS A 291 0.80 -36.26 -14.58
N ALA A 292 0.78 -34.94 -14.52
CA ALA A 292 1.51 -34.12 -15.49
C ALA A 292 3.01 -34.12 -15.22
N PHE A 293 3.40 -34.21 -13.95
CA PHE A 293 4.82 -34.23 -13.56
C PHE A 293 5.49 -35.53 -13.98
N LYS A 294 4.68 -36.58 -14.14
CA LYS A 294 5.19 -37.89 -14.54
C LYS A 294 5.44 -37.95 -16.04
N ARG A 295 4.65 -37.21 -16.80
CA ARG A 295 4.79 -37.16 -18.26
C ARG A 295 6.13 -36.56 -18.66
N LEU A 296 6.54 -35.52 -17.94
CA LEU A 296 7.75 -34.75 -18.28
C LEU A 296 9.01 -35.42 -17.76
N LEU A 297 8.94 -35.96 -16.55
CA LEU A 297 10.10 -36.61 -15.92
C LEU A 297 10.46 -37.94 -16.57
N ALA A 298 9.72 -38.29 -17.64
CA ALA A 298 9.95 -39.52 -18.38
C ALA A 298 9.84 -40.75 -17.45
N PHE A 299 8.60 -41.12 -17.13
CA PHE A 299 8.31 -42.31 -16.31
C PHE A 299 7.44 -43.32 -17.08
N GLN B 9 -18.74 37.37 -21.92
CA GLN B 9 -17.86 37.85 -20.83
C GLN B 9 -18.13 37.10 -19.52
N TRP B 10 -18.59 35.86 -19.65
CA TRP B 10 -18.88 35.01 -18.49
C TRP B 10 -17.60 34.61 -17.73
N GLU B 11 -16.46 34.79 -18.39
CA GLU B 11 -15.14 34.51 -17.81
C GLU B 11 -14.85 35.40 -16.61
N ALA B 12 -15.38 36.63 -16.63
CA ALA B 12 -15.14 37.60 -15.56
C ALA B 12 -15.92 37.27 -14.28
N GLY B 13 -17.10 36.65 -14.46
CA GLY B 13 -17.96 36.26 -13.33
C GLY B 13 -17.57 34.93 -12.70
N MET B 14 -16.45 34.38 -13.14
CA MET B 14 -15.96 33.11 -12.63
C MET B 14 -14.60 33.27 -11.95
N SER B 15 -13.74 34.08 -12.55
CA SER B 15 -12.41 34.35 -12.00
C SER B 15 -12.48 35.01 -10.62
N LEU B 16 -13.64 35.56 -10.28
CA LEU B 16 -13.85 36.16 -8.98
C LEU B 16 -14.03 35.09 -7.92
N LEU B 17 -14.97 34.17 -8.15
CA LEU B 17 -15.19 33.04 -7.25
C LEU B 17 -13.96 32.16 -7.15
N MET B 18 -13.17 32.16 -8.20
CA MET B 18 -11.98 31.35 -8.26
C MET B 18 -10.85 32.00 -7.48
N ALA B 19 -10.73 33.31 -7.62
CA ALA B 19 -9.73 34.09 -6.86
C ALA B 19 -10.16 34.16 -5.38
N LEU B 20 -11.46 33.99 -5.17
CA LEU B 20 -12.03 34.04 -3.83
C LEU B 20 -11.70 32.76 -3.05
N VAL B 21 -11.93 31.63 -3.69
CA VAL B 21 -11.67 30.33 -3.07
C VAL B 21 -10.17 30.08 -2.89
N VAL B 22 -9.37 30.59 -3.81
CA VAL B 22 -7.91 30.52 -3.67
C VAL B 22 -7.47 31.31 -2.44
N LEU B 23 -8.16 32.42 -2.20
CA LEU B 23 -7.89 33.25 -1.05
C LEU B 23 -8.24 32.49 0.26
N LEU B 24 -9.45 31.95 0.32
CA LEU B 24 -9.91 31.21 1.51
C LEU B 24 -8.94 30.10 1.87
N ILE B 25 -8.51 29.36 0.86
CA ILE B 25 -7.60 28.24 1.06
C ILE B 25 -6.28 28.75 1.60
N VAL B 26 -5.65 29.66 0.87
CA VAL B 26 -4.33 30.17 1.25
C VAL B 26 -4.39 30.87 2.60
N ALA B 27 -5.18 31.93 2.68
CA ALA B 27 -5.26 32.69 3.92
C ALA B 27 -5.55 31.77 5.09
N GLY B 28 -6.53 30.89 4.92
CA GLY B 28 -6.95 29.99 5.99
C GLY B 28 -5.85 29.08 6.51
N ASN B 29 -5.15 28.41 5.59
CA ASN B 29 -4.11 27.43 5.94
C ASN B 29 -2.81 28.10 6.37
N VAL B 30 -2.48 29.23 5.77
CA VAL B 30 -1.33 30.03 6.22
C VAL B 30 -1.59 30.47 7.66
N LEU B 31 -2.86 30.70 7.97
CA LEU B 31 -3.26 31.10 9.30
C LEU B 31 -3.07 29.96 10.30
N VAL B 32 -3.48 28.76 9.90
CA VAL B 32 -3.39 27.56 10.76
C VAL B 32 -1.95 27.21 11.09
N ILE B 33 -1.06 27.41 10.13
CA ILE B 33 0.36 27.13 10.34
C ILE B 33 0.97 28.14 11.29
N ALA B 34 0.54 29.40 11.15
CA ALA B 34 1.06 30.49 11.97
C ALA B 34 0.60 30.36 13.41
N ALA B 35 -0.67 30.00 13.57
CA ALA B 35 -1.28 29.83 14.88
C ALA B 35 -0.55 28.79 15.71
N ILE B 36 -0.06 27.75 15.05
CA ILE B 36 0.68 26.69 15.71
C ILE B 36 2.14 27.03 15.82
N GLY B 37 2.68 27.69 14.80
CA GLY B 37 4.09 28.13 14.79
C GLY B 37 4.39 29.18 15.87
N SER B 38 3.40 30.01 16.18
CA SER B 38 3.56 31.06 17.18
C SER B 38 3.25 30.57 18.58
N THR B 39 1.98 30.28 18.84
CA THR B 39 1.53 29.84 20.16
C THR B 39 2.09 28.49 20.58
N GLN B 40 2.87 28.49 21.66
CA GLN B 40 3.49 27.27 22.20
C GLN B 40 2.43 26.33 22.75
N ARG B 41 1.33 26.90 23.19
CA ARG B 41 0.21 26.14 23.71
C ARG B 41 -0.41 25.22 22.65
N LEU B 42 -0.26 25.59 21.39
CA LEU B 42 -0.82 24.81 20.29
C LEU B 42 0.21 23.84 19.71
N GLN B 43 1.43 23.88 20.21
CA GLN B 43 2.52 23.08 19.66
C GLN B 43 2.51 21.68 20.25
N THR B 44 1.38 21.00 20.16
CA THR B 44 1.28 19.61 20.64
C THR B 44 1.76 18.61 19.60
N LEU B 45 1.59 17.33 19.89
CA LEU B 45 1.96 16.29 18.92
C LEU B 45 0.99 16.21 17.78
N THR B 46 -0.26 15.96 18.09
CA THR B 46 -1.31 15.88 17.05
C THR B 46 -1.33 17.14 16.17
N ASN B 47 -1.03 18.28 16.77
CA ASN B 47 -0.99 19.54 16.03
C ASN B 47 0.27 19.71 15.14
N LEU B 48 1.09 18.68 15.07
CA LEU B 48 2.13 18.62 14.08
C LEU B 48 1.60 18.00 12.82
N PHE B 49 0.82 16.93 12.97
CA PHE B 49 0.17 16.32 11.84
C PHE B 49 -0.81 17.32 11.19
N ILE B 50 -1.49 18.09 12.00
CA ILE B 50 -2.40 19.09 11.51
C ILE B 50 -1.65 20.11 10.70
N THR B 51 -0.39 20.33 11.05
CA THR B 51 0.44 21.25 10.29
C THR B 51 0.74 20.69 8.89
N SER B 52 1.01 19.41 8.82
CA SER B 52 1.28 18.75 7.56
C SER B 52 0.09 18.92 6.61
N LEU B 53 -1.12 18.79 7.13
CA LEU B 53 -2.34 19.00 6.35
C LEU B 53 -2.45 20.44 5.86
N ALA B 54 -2.16 21.38 6.72
CA ALA B 54 -2.19 22.79 6.35
C ALA B 54 -1.26 23.05 5.17
N CYS B 55 -0.23 22.23 5.03
CA CYS B 55 0.74 22.39 3.94
C CYS B 55 0.26 21.73 2.67
N ALA B 56 -0.24 20.53 2.79
CA ALA B 56 -0.80 19.82 1.64
C ALA B 56 -1.95 20.61 1.04
N ASP B 57 -2.77 21.17 1.91
CA ASP B 57 -3.94 21.93 1.47
C ASP B 57 -3.52 23.31 0.99
N LEU B 58 -2.33 23.73 1.36
CA LEU B 58 -1.80 25.02 0.90
C LEU B 58 -1.27 24.87 -0.54
N VAL B 59 -0.43 23.88 -0.75
CA VAL B 59 0.08 23.56 -2.06
C VAL B 59 -1.05 23.48 -3.08
N VAL B 60 -2.17 22.91 -2.66
CA VAL B 60 -3.35 22.84 -3.50
C VAL B 60 -3.85 24.20 -3.95
N GLY B 61 -4.03 25.10 -3.00
CA GLY B 61 -4.51 26.46 -3.29
C GLY B 61 -3.51 27.32 -4.04
N LEU B 62 -2.22 27.05 -3.86
CA LEU B 62 -1.17 27.83 -4.51
C LEU B 62 -0.87 27.35 -5.93
N LEU B 63 -0.98 26.06 -6.17
CA LEU B 63 -0.59 25.50 -7.48
C LEU B 63 -1.72 24.73 -8.14
N VAL B 64 -2.27 23.75 -7.45
CA VAL B 64 -3.23 22.86 -8.07
C VAL B 64 -4.49 23.58 -8.50
N VAL B 65 -4.97 24.52 -7.69
CA VAL B 65 -6.21 25.22 -8.01
C VAL B 65 -6.06 26.29 -9.08
N PRO B 66 -5.01 27.13 -8.97
CA PRO B 66 -4.77 28.16 -9.97
C PRO B 66 -4.72 27.59 -11.40
N PHE B 67 -3.85 26.63 -11.62
CA PHE B 67 -3.73 26.00 -12.92
C PHE B 67 -5.03 25.35 -13.31
N GLY B 68 -5.60 24.57 -12.40
CA GLY B 68 -6.87 23.87 -12.65
C GLY B 68 -8.06 24.79 -12.90
N ALA B 69 -7.89 26.06 -12.55
CA ALA B 69 -8.91 27.08 -12.81
C ALA B 69 -8.87 27.54 -14.27
N THR B 70 -7.66 27.78 -14.76
CA THR B 70 -7.46 28.22 -16.13
C THR B 70 -7.93 27.16 -17.11
N LEU B 71 -7.91 25.90 -16.69
CA LEU B 71 -8.31 24.79 -17.56
C LEU B 71 -9.83 24.71 -17.67
N VAL B 72 -10.51 25.23 -16.66
CA VAL B 72 -11.97 25.19 -16.65
C VAL B 72 -12.52 26.46 -17.27
N VAL B 73 -11.90 27.57 -16.92
CA VAL B 73 -12.30 28.87 -17.45
C VAL B 73 -12.10 28.99 -18.97
N ARG B 74 -10.89 28.71 -19.43
CA ARG B 74 -10.57 28.77 -20.86
C ARG B 74 -11.00 27.50 -21.61
N GLY B 75 -11.11 26.39 -20.89
CA GLY B 75 -11.51 25.12 -21.50
C GLY B 75 -10.37 24.44 -22.21
N THR B 76 -9.15 24.95 -22.05
CA THR B 76 -7.96 24.39 -22.70
C THR B 76 -6.73 24.61 -21.85
N TRP B 77 -5.83 23.63 -21.86
CA TRP B 77 -4.58 23.74 -21.09
C TRP B 77 -3.59 24.62 -21.84
N LEU B 78 -3.12 25.67 -21.18
CA LEU B 78 -2.31 26.69 -21.86
C LEU B 78 -0.87 26.68 -21.41
N TRP B 79 -0.49 25.70 -20.61
CA TRP B 79 0.83 25.75 -19.96
C TRP B 79 1.77 24.63 -20.42
N GLY B 80 1.46 24.01 -21.54
CA GLY B 80 2.37 23.03 -22.13
C GLY B 80 2.13 21.61 -21.65
N SER B 81 2.80 20.67 -22.33
CA SER B 81 2.60 19.23 -22.08
C SER B 81 3.31 18.79 -20.81
N PHE B 82 4.30 19.58 -20.39
CA PHE B 82 5.06 19.24 -19.20
C PHE B 82 4.31 19.67 -17.95
N LEU B 83 3.99 20.94 -17.85
CA LEU B 83 3.24 21.41 -16.69
C LEU B 83 1.91 20.67 -16.58
N CYS B 84 1.50 20.03 -17.65
CA CYS B 84 0.30 19.21 -17.60
C CYS B 84 0.52 18.07 -16.63
N GLU B 85 1.52 17.26 -16.91
CA GLU B 85 1.84 16.11 -16.05
C GLU B 85 2.33 16.55 -14.68
N LEU B 86 3.02 17.67 -14.64
CA LEU B 86 3.54 18.18 -13.38
C LEU B 86 2.39 18.67 -12.50
N TRP B 87 1.42 19.33 -13.11
CA TRP B 87 0.28 19.81 -12.38
C TRP B 87 -0.59 18.68 -11.95
N THR B 88 -0.64 17.63 -12.75
CA THR B 88 -1.39 16.42 -12.40
C THR B 88 -0.72 15.66 -11.26
N SER B 89 0.60 15.59 -11.26
CA SER B 89 1.34 14.87 -10.22
C SER B 89 1.18 15.53 -8.84
N LEU B 90 1.28 16.84 -8.78
CA LEU B 90 1.11 17.59 -7.53
C LEU B 90 -0.31 17.42 -7.03
N ASP B 91 -1.24 17.34 -7.96
CA ASP B 91 -2.65 17.14 -7.62
C ASP B 91 -2.83 15.80 -6.91
N VAL B 92 -2.41 14.73 -7.55
CA VAL B 92 -2.53 13.37 -6.97
C VAL B 92 -1.74 13.23 -5.67
N LEU B 93 -0.58 13.87 -5.62
CA LEU B 93 0.31 13.83 -4.45
C LEU B 93 -0.40 14.42 -3.21
N CYS B 94 -0.97 15.60 -3.38
CA CYS B 94 -1.58 16.27 -2.25
C CYS B 94 -2.74 15.49 -1.66
N VAL B 95 -3.46 14.76 -2.50
CA VAL B 95 -4.62 14.00 -2.03
C VAL B 95 -4.15 12.71 -1.36
N THR B 96 -3.05 12.16 -1.84
CA THR B 96 -2.50 10.93 -1.24
C THR B 96 -1.93 11.27 0.14
N ALA B 97 -1.15 12.35 0.18
CA ALA B 97 -0.49 12.79 1.40
C ALA B 97 -1.48 13.19 2.47
N SER B 98 -2.69 13.56 2.07
CA SER B 98 -3.71 14.00 3.03
C SER B 98 -4.39 12.81 3.72
N ILE B 99 -4.98 11.93 2.93
CA ILE B 99 -5.65 10.75 3.47
C ILE B 99 -4.66 9.92 4.30
N GLU B 100 -3.37 9.94 3.95
CA GLU B 100 -2.39 9.17 4.68
C GLU B 100 -2.17 9.78 6.08
N THR B 101 -2.13 11.10 6.12
CA THR B 101 -1.87 11.80 7.38
C THR B 101 -3.09 11.68 8.30
N LEU B 102 -4.25 11.71 7.71
CA LEU B 102 -5.49 11.53 8.48
C LEU B 102 -5.52 10.12 9.01
N CYS B 103 -4.94 9.19 8.27
CA CYS B 103 -4.92 7.80 8.68
C CYS B 103 -3.88 7.63 9.78
N VAL B 104 -2.88 8.49 9.80
CA VAL B 104 -1.87 8.47 10.85
C VAL B 104 -2.48 8.99 12.15
N ILE B 105 -3.11 10.14 12.08
CA ILE B 105 -3.74 10.76 13.24
C ILE B 105 -4.73 9.81 13.91
N ALA B 106 -5.44 9.03 13.11
CA ALA B 106 -6.36 8.02 13.66
C ALA B 106 -5.61 7.01 14.52
N ILE B 107 -4.63 6.36 13.92
CA ILE B 107 -3.81 5.38 14.64
C ILE B 107 -3.07 6.05 15.80
N ASP B 108 -2.74 7.32 15.65
CA ASP B 108 -2.07 8.08 16.70
C ASP B 108 -2.98 8.22 17.92
N ARG B 109 -4.16 8.78 17.72
CA ARG B 109 -5.11 8.96 18.81
C ARG B 109 -5.46 7.64 19.43
N TYR B 110 -5.41 6.58 18.64
CA TYR B 110 -5.70 5.25 19.15
C TYR B 110 -4.60 4.79 20.12
N LEU B 111 -3.36 4.79 19.67
CA LEU B 111 -2.23 4.36 20.49
C LEU B 111 -1.98 5.31 21.65
N ALA B 112 -2.52 6.52 21.57
CA ALA B 112 -2.37 7.51 22.63
C ALA B 112 -3.56 7.52 23.58
N ILE B 113 -4.51 6.65 23.34
CA ILE B 113 -5.71 6.57 24.17
C ILE B 113 -5.88 5.16 24.76
N THR B 114 -5.03 4.24 24.33
CA THR B 114 -5.09 2.86 24.83
C THR B 114 -3.80 2.45 25.53
N SER B 115 -2.70 3.16 25.24
CA SER B 115 -1.39 2.89 25.86
C SER B 115 -0.68 4.19 26.27
N PRO B 116 -1.35 5.01 27.10
CA PRO B 116 -0.82 6.32 27.48
C PRO B 116 0.63 6.23 27.92
N PHE B 117 0.99 5.16 28.62
CA PHE B 117 2.35 5.09 29.09
C PHE B 117 3.35 4.78 27.99
N ARG B 118 3.10 3.71 27.22
CA ARG B 118 4.01 3.32 26.12
C ARG B 118 4.04 4.39 25.05
N TYR B 119 2.95 5.11 24.92
CA TYR B 119 2.85 6.16 23.93
C TYR B 119 3.84 7.27 24.25
N GLN B 120 3.88 7.70 25.51
CA GLN B 120 4.73 8.82 25.90
C GLN B 120 6.21 8.47 25.85
N SER B 121 6.51 7.20 26.08
CA SER B 121 7.90 6.74 26.11
C SER B 121 8.45 6.44 24.70
N LEU B 122 7.56 6.37 23.72
CA LEU B 122 7.95 6.06 22.34
C LEU B 122 7.71 7.23 21.39
N MET B 123 6.56 7.87 21.54
CA MET B 123 6.19 9.00 20.68
C MET B 123 6.73 10.32 21.20
N THR B 124 7.80 10.79 20.57
CA THR B 124 8.37 12.11 20.83
C THR B 124 7.97 13.09 19.73
N ARG B 125 8.69 14.19 19.61
CA ARG B 125 8.44 15.16 18.56
C ARG B 125 9.34 14.88 17.35
N ALA B 126 10.59 14.57 17.61
CA ALA B 126 11.55 14.33 16.54
C ALA B 126 11.18 13.07 15.78
N ARG B 127 10.47 12.16 16.44
CA ARG B 127 10.06 10.91 15.80
C ARG B 127 8.82 11.13 14.95
N ALA B 128 7.89 11.93 15.47
CA ALA B 128 6.68 12.25 14.72
C ALA B 128 7.03 12.99 13.42
N LYS B 129 8.13 13.74 13.42
CA LYS B 129 8.56 14.45 12.23
C LYS B 129 9.07 13.47 11.21
N VAL B 130 9.65 12.38 11.67
CA VAL B 130 10.11 11.33 10.79
C VAL B 130 8.87 10.72 10.14
N ILE B 131 7.86 10.47 10.98
CA ILE B 131 6.57 9.96 10.51
C ILE B 131 5.96 10.80 9.37
N ILE B 132 5.92 12.10 9.62
CA ILE B 132 5.41 13.04 8.65
C ILE B 132 6.15 12.97 7.32
N CYS B 133 7.45 12.80 7.36
CA CYS B 133 8.25 12.72 6.13
C CYS B 133 8.09 11.37 5.45
N THR B 134 8.05 10.32 6.25
CA THR B 134 7.81 8.98 5.72
C THR B 134 6.47 8.95 4.95
N VAL B 135 5.48 9.68 5.43
CA VAL B 135 4.18 9.79 4.74
C VAL B 135 4.34 10.46 3.37
N TRP B 136 5.05 11.58 3.36
CA TRP B 136 5.29 12.32 2.12
C TRP B 136 6.23 11.56 1.17
N ALA B 137 7.02 10.66 1.72
CA ALA B 137 7.91 9.85 0.89
C ALA B 137 7.10 8.81 0.15
N ILE B 138 6.19 8.17 0.87
CA ILE B 138 5.35 7.10 0.31
C ILE B 138 4.34 7.69 -0.66
N SER B 139 3.80 8.84 -0.33
CA SER B 139 2.85 9.51 -1.21
C SER B 139 3.47 9.81 -2.58
N ALA B 140 4.72 10.26 -2.59
CA ALA B 140 5.40 10.62 -3.83
C ALA B 140 5.73 9.37 -4.66
N LEU B 141 6.36 8.41 -4.02
CA LEU B 141 6.62 7.13 -4.67
C LEU B 141 5.36 6.59 -5.34
N VAL B 142 4.25 6.62 -4.59
CA VAL B 142 2.99 6.03 -5.00
C VAL B 142 2.21 6.82 -6.06
N SER B 143 2.20 8.12 -5.94
CA SER B 143 1.46 8.94 -6.88
C SER B 143 2.33 9.61 -7.97
N PHE B 144 3.43 10.20 -7.55
CA PHE B 144 4.28 11.03 -8.42
C PHE B 144 5.01 10.19 -9.46
N LEU B 145 5.65 9.10 -9.06
CA LEU B 145 6.45 8.28 -10.00
C LEU B 145 5.68 7.57 -11.10
N PRO B 146 4.63 6.81 -10.77
CA PRO B 146 3.82 6.15 -11.79
C PRO B 146 3.32 7.09 -12.91
N ILE B 147 3.15 8.36 -12.59
CA ILE B 147 2.77 9.35 -13.58
C ILE B 147 3.95 9.74 -14.44
N MET B 148 5.10 9.94 -13.80
CA MET B 148 6.35 10.29 -14.49
C MET B 148 6.81 9.16 -15.39
N MET B 149 6.53 7.93 -14.98
CA MET B 149 6.90 6.75 -15.77
C MET B 149 5.81 6.39 -16.76
N HIS B 150 4.76 7.21 -16.82
CA HIS B 150 3.69 7.08 -17.81
C HIS B 150 2.98 5.71 -17.78
N TRP B 151 2.75 5.19 -16.58
CA TRP B 151 2.02 3.93 -16.44
C TRP B 151 0.48 4.15 -16.51
N TRP B 152 0.10 5.39 -16.66
CA TRP B 152 -1.31 5.73 -16.68
C TRP B 152 -1.86 5.79 -18.09
N ARG B 153 -0.97 6.01 -19.04
CA ARG B 153 -1.36 6.18 -20.46
C ARG B 153 -2.13 4.99 -21.03
N ASP B 154 -3.11 5.30 -21.87
CA ASP B 154 -3.93 4.27 -22.50
C ASP B 154 -3.52 4.14 -23.95
N GLU B 155 -3.75 2.95 -24.51
CA GLU B 155 -3.37 2.65 -25.90
C GLU B 155 -4.48 3.04 -26.87
N ASP B 156 -5.63 3.40 -26.31
CA ASP B 156 -6.77 3.85 -27.11
C ASP B 156 -6.32 4.93 -28.11
N PRO B 157 -6.63 4.73 -29.41
CA PRO B 157 -6.36 5.73 -30.44
C PRO B 157 -6.80 7.14 -30.04
N GLN B 158 -7.95 7.24 -29.36
CA GLN B 158 -8.46 8.53 -28.89
C GLN B 158 -7.58 9.11 -27.80
N ALA B 159 -7.13 8.24 -26.89
CA ALA B 159 -6.25 8.66 -25.80
C ALA B 159 -4.91 9.12 -26.34
N LEU B 160 -4.35 8.38 -27.28
CA LEU B 160 -3.07 8.73 -27.92
C LEU B 160 -3.16 10.08 -28.57
N LYS B 161 -4.38 10.47 -28.94
CA LYS B 161 -4.63 11.76 -29.56
C LYS B 161 -4.44 12.91 -28.57
N CYS B 162 -4.82 12.67 -27.32
CA CYS B 162 -4.81 13.72 -26.30
C CYS B 162 -3.42 13.91 -25.70
N TYR B 163 -2.54 12.93 -25.89
CA TYR B 163 -1.21 13.03 -25.34
C TYR B 163 -0.33 13.90 -26.19
N GLN B 164 -0.54 13.83 -27.51
CA GLN B 164 0.23 14.61 -28.47
C GLN B 164 -0.28 16.06 -28.56
N ASP B 165 -1.37 16.34 -27.84
CA ASP B 165 -1.97 17.66 -27.80
C ASP B 165 -1.63 18.39 -26.49
N PRO B 166 -0.73 19.38 -26.56
CA PRO B 166 -0.32 20.18 -25.40
C PRO B 166 -1.45 20.98 -24.81
N GLY B 167 -2.42 21.33 -25.65
CA GLY B 167 -3.59 22.08 -25.22
C GLY B 167 -4.62 21.22 -24.52
N CYS B 168 -4.44 19.91 -24.60
CA CYS B 168 -5.31 18.94 -23.95
C CYS B 168 -4.59 18.30 -22.79
N CYS B 169 -5.09 18.56 -21.57
CA CYS B 169 -4.54 18.02 -20.32
C CYS B 169 -5.58 17.20 -19.55
N ASP B 170 -6.23 16.28 -20.25
CA ASP B 170 -7.18 15.38 -19.63
C ASP B 170 -6.42 14.20 -19.06
N PHE B 171 -6.85 13.73 -17.89
CA PHE B 171 -6.22 12.59 -17.21
C PHE B 171 -6.84 11.28 -17.68
N VAL B 172 -6.76 11.05 -18.98
CA VAL B 172 -7.24 9.80 -19.57
C VAL B 172 -6.28 8.69 -19.23
N THR B 173 -6.76 7.74 -18.44
CA THR B 173 -5.92 6.64 -17.96
C THR B 173 -6.51 5.29 -18.32
N ASN B 174 -5.65 4.28 -18.41
CA ASN B 174 -6.13 2.92 -18.62
C ASN B 174 -6.87 2.41 -17.39
N ARG B 175 -7.48 1.25 -17.50
CA ARG B 175 -8.36 0.77 -16.43
C ARG B 175 -7.57 0.04 -15.35
N ALA B 176 -6.38 -0.45 -15.72
CA ALA B 176 -5.49 -1.12 -14.75
C ALA B 176 -5.01 -0.09 -13.72
N TYR B 177 -4.61 1.06 -14.20
CA TYR B 177 -4.12 2.14 -13.33
C TYR B 177 -5.27 2.68 -12.53
N ALA B 178 -6.30 3.11 -13.24
CA ALA B 178 -7.47 3.72 -12.61
C ALA B 178 -7.85 2.96 -11.35
N ILE B 179 -7.75 1.65 -11.39
CA ILE B 179 -8.15 0.82 -10.27
C ILE B 179 -7.11 0.82 -9.20
N ALA B 180 -5.91 0.40 -9.57
CA ALA B 180 -4.80 0.26 -8.60
C ALA B 180 -4.51 1.60 -7.91
N SER B 181 -4.37 2.63 -8.72
CA SER B 181 -3.98 3.95 -8.21
C SER B 181 -5.01 4.55 -7.31
N SER B 182 -6.27 4.18 -7.49
CA SER B 182 -7.32 4.70 -6.61
C SER B 182 -7.35 3.91 -5.30
N ILE B 183 -7.14 2.61 -5.40
CA ILE B 183 -7.08 1.75 -4.24
C ILE B 183 -5.97 2.16 -3.31
N ILE B 184 -4.77 2.18 -3.89
CA ILE B 184 -3.53 2.52 -3.17
C ILE B 184 -3.54 3.94 -2.60
N SER B 185 -3.95 4.90 -3.38
CA SER B 185 -3.85 6.27 -2.94
C SER B 185 -5.03 6.69 -2.10
N PHE B 186 -6.13 5.96 -2.16
CA PHE B 186 -7.37 6.43 -1.49
C PHE B 186 -8.10 5.36 -0.65
N TYR B 187 -8.53 4.30 -1.30
CA TYR B 187 -9.37 3.31 -0.64
C TYR B 187 -8.68 2.61 0.52
N ILE B 188 -7.49 2.09 0.30
CA ILE B 188 -6.80 1.39 1.38
C ILE B 188 -6.58 2.28 2.59
N PRO B 189 -5.96 3.45 2.40
CA PRO B 189 -5.81 4.43 3.50
C PRO B 189 -7.12 4.87 4.12
N LEU B 190 -8.18 4.91 3.33
CA LEU B 190 -9.45 5.37 3.84
C LEU B 190 -10.06 4.32 4.74
N LEU B 191 -10.10 3.10 4.26
CA LEU B 191 -10.68 2.00 5.04
C LEU B 191 -9.95 1.86 6.38
N ILE B 192 -8.63 1.92 6.33
CA ILE B 192 -7.81 1.84 7.55
C ILE B 192 -8.15 2.99 8.47
N MET B 193 -8.33 4.16 7.89
CA MET B 193 -8.64 5.37 8.66
C MET B 193 -10.00 5.26 9.29
N ILE B 194 -10.97 4.79 8.53
CA ILE B 194 -12.34 4.64 9.05
C ILE B 194 -12.42 3.60 10.18
N PHE B 195 -11.92 2.40 9.91
CA PHE B 195 -11.90 1.32 10.90
C PHE B 195 -11.31 1.78 12.22
N VAL B 196 -10.11 2.33 12.18
CA VAL B 196 -9.42 2.85 13.38
C VAL B 196 -10.12 4.06 13.99
N ALA B 197 -10.74 4.89 13.16
CA ALA B 197 -11.50 6.04 13.64
C ALA B 197 -12.82 5.62 14.30
N LEU B 198 -13.18 4.37 14.16
CA LEU B 198 -14.33 3.81 14.85
C LEU B 198 -13.91 3.14 16.16
N ARG B 199 -12.74 2.51 16.16
CA ARG B 199 -12.17 1.90 17.37
C ARG B 199 -11.82 2.96 18.40
N VAL B 200 -11.58 4.19 17.95
CA VAL B 200 -11.27 5.31 18.85
C VAL B 200 -12.54 6.00 19.29
N TYR B 201 -13.66 5.68 18.65
CA TYR B 201 -14.95 6.21 19.08
C TYR B 201 -15.59 5.31 20.13
N ARG B 202 -15.08 4.10 20.24
CA ARG B 202 -15.56 3.15 21.24
C ARG B 202 -14.82 3.33 22.56
N GLU B 203 -13.49 3.39 22.48
CA GLU B 203 -12.66 3.58 23.66
C GLU B 203 -12.87 4.94 24.28
N ALA B 204 -13.01 5.96 23.45
CA ALA B 204 -13.30 7.31 23.95
C ALA B 204 -14.74 7.44 24.46
N LYS B 205 -15.55 6.42 24.15
CA LYS B 205 -16.92 6.35 24.64
C LYS B 205 -16.97 5.61 25.96
N GLU B 206 -16.15 4.56 26.08
CA GLU B 206 -16.06 3.76 27.32
C GLU B 206 -15.30 4.48 28.44
N GLN B 207 -14.47 5.44 28.05
CA GLN B 207 -13.72 6.25 29.01
C GLN B 207 -14.63 7.26 29.67
N ILE B 208 -15.53 7.84 28.88
CA ILE B 208 -16.53 8.78 29.40
C ILE B 208 -17.71 8.00 29.96
N ARG B 209 -17.67 6.67 29.79
CA ARG B 209 -18.69 5.77 30.30
C ARG B 209 -18.31 5.32 31.72
N LYS B 210 -17.03 4.99 31.89
CA LYS B 210 -16.47 4.59 33.18
C LYS B 210 -15.59 5.69 33.78
N ILE B 211 -16.08 6.91 33.96
CA ILE B 211 -15.18 8.02 34.38
C ILE B 211 -14.47 7.77 35.74
N ASP B 212 -15.06 6.92 36.57
CA ASP B 212 -14.63 6.73 37.97
C ASP B 212 -13.32 5.97 38.15
N ARG B 213 -13.04 5.00 37.29
CA ARG B 213 -11.85 4.15 37.44
C ARG B 213 -10.53 4.82 37.06
N ALA B 214 -10.35 6.06 37.50
CA ALA B 214 -9.16 6.83 37.16
C ALA B 214 -8.93 7.95 38.18
N SER B 215 -7.71 8.04 38.69
CA SER B 215 -7.32 9.10 39.62
C SER B 215 -7.04 10.39 38.85
N LYS B 216 -6.86 11.50 39.57
CA LYS B 216 -6.56 12.80 38.93
C LYS B 216 -5.08 12.92 38.51
N ARG B 217 -4.49 11.81 38.08
CA ARG B 217 -3.18 11.78 37.43
C ARG B 217 -3.20 10.93 36.15
N LYS B 218 -4.13 9.98 36.08
CA LYS B 218 -4.37 9.18 34.88
C LYS B 218 -5.51 9.77 34.06
N ARG B 219 -6.62 10.08 34.75
CA ARG B 219 -7.76 10.74 34.13
C ARG B 219 -7.36 12.09 33.52
N VAL B 220 -6.36 12.73 34.11
CA VAL B 220 -5.90 14.03 33.63
C VAL B 220 -5.30 13.94 32.22
N MET B 221 -4.33 13.05 32.03
CA MET B 221 -3.64 12.94 30.74
C MET B 221 -4.59 12.51 29.63
N LEU B 222 -5.60 11.72 29.98
CA LEU B 222 -6.61 11.28 29.01
C LEU B 222 -7.64 12.37 28.74
N MET B 223 -8.12 13.02 29.79
CA MET B 223 -9.09 14.12 29.64
C MET B 223 -8.55 15.24 28.74
N ARG B 224 -7.24 15.48 28.83
CA ARG B 224 -6.57 16.49 28.01
C ARG B 224 -6.81 16.26 26.51
N GLU B 225 -7.03 15.00 26.15
CA GLU B 225 -7.14 14.64 24.73
C GLU B 225 -8.58 14.32 24.32
N HIS B 226 -9.50 15.25 24.57
CA HIS B 226 -10.93 15.08 24.28
C HIS B 226 -11.54 16.43 23.85
N LYS B 227 -12.80 16.40 23.40
CA LYS B 227 -13.48 17.52 22.66
C LYS B 227 -12.68 17.89 21.39
N ALA B 228 -11.38 17.62 21.44
CA ALA B 228 -10.46 17.70 20.30
C ALA B 228 -10.72 16.51 19.39
N LEU B 229 -10.93 15.33 20.00
CA LEU B 229 -11.23 14.11 19.25
C LEU B 229 -12.48 14.23 18.37
N LYS B 230 -13.33 15.19 18.70
CA LYS B 230 -14.50 15.45 17.88
C LYS B 230 -14.07 16.25 16.66
N THR B 231 -13.26 17.28 16.90
CA THR B 231 -12.79 18.12 15.81
C THR B 231 -12.06 17.28 14.79
N LEU B 232 -11.34 16.28 15.25
CA LEU B 232 -10.63 15.37 14.33
C LEU B 232 -11.61 14.49 13.55
N GLY B 233 -12.63 14.00 14.24
CA GLY B 233 -13.65 13.19 13.58
C GLY B 233 -14.37 13.99 12.51
N ILE B 234 -14.48 15.30 12.74
CA ILE B 234 -15.12 16.21 11.79
C ILE B 234 -14.22 16.42 10.56
N ILE B 235 -12.93 16.60 10.80
CA ILE B 235 -11.93 16.71 9.74
C ILE B 235 -11.94 15.47 8.87
N MET B 236 -11.89 14.32 9.51
CA MET B 236 -11.91 13.07 8.77
C MET B 236 -13.26 12.87 8.06
N GLY B 237 -14.32 13.34 8.71
CA GLY B 237 -15.66 13.17 8.15
C GLY B 237 -15.86 13.99 6.90
N VAL B 238 -15.75 15.31 7.06
CA VAL B 238 -15.87 16.24 5.92
C VAL B 238 -15.00 15.80 4.74
N PHE B 239 -13.73 15.55 5.02
CA PHE B 239 -12.79 15.12 4.00
C PHE B 239 -13.32 13.96 3.19
N THR B 240 -13.91 12.98 3.85
CA THR B 240 -14.49 11.85 3.14
C THR B 240 -15.66 12.29 2.25
N LEU B 241 -16.48 13.19 2.77
CA LEU B 241 -17.62 13.65 1.99
C LEU B 241 -17.19 14.33 0.71
N CYS B 242 -16.03 14.97 0.73
CA CYS B 242 -15.59 15.75 -0.42
C CYS B 242 -14.88 14.92 -1.49
N TRP B 243 -14.30 13.80 -1.09
CA TRP B 243 -13.47 13.01 -1.99
C TRP B 243 -14.06 11.66 -2.34
N LEU B 244 -14.97 11.15 -1.52
CA LEU B 244 -15.59 9.82 -1.77
C LEU B 244 -16.47 9.84 -3.01
N PRO B 245 -17.24 10.92 -3.19
CA PRO B 245 -17.99 11.06 -4.44
C PRO B 245 -17.10 10.93 -5.67
N PHE B 246 -16.08 11.77 -5.73
CA PHE B 246 -15.16 11.79 -6.86
C PHE B 246 -14.61 10.40 -7.18
N PHE B 247 -14.27 9.64 -6.16
CA PHE B 247 -13.64 8.33 -6.36
C PHE B 247 -14.61 7.18 -6.69
N LEU B 248 -15.86 7.38 -6.28
CA LEU B 248 -16.94 6.46 -6.66
C LEU B 248 -17.16 6.55 -8.18
N VAL B 249 -17.44 7.76 -8.63
CA VAL B 249 -17.58 8.03 -10.04
C VAL B 249 -16.35 7.53 -10.81
N ASN B 250 -15.18 7.82 -10.28
CA ASN B 250 -13.93 7.44 -10.92
C ASN B 250 -13.87 5.96 -11.24
N ILE B 251 -14.47 5.16 -10.36
CA ILE B 251 -14.51 3.71 -10.56
C ILE B 251 -15.64 3.29 -11.49
N VAL B 252 -16.74 4.03 -11.42
CA VAL B 252 -17.88 3.77 -12.30
C VAL B 252 -17.43 3.73 -13.76
N ASN B 253 -16.65 4.71 -14.18
CA ASN B 253 -16.15 4.76 -15.54
C ASN B 253 -15.33 3.50 -15.89
N VAL B 254 -14.63 2.97 -14.91
CA VAL B 254 -13.82 1.78 -15.16
C VAL B 254 -14.71 0.60 -15.54
N PHE B 255 -15.96 0.62 -15.05
CA PHE B 255 -16.94 -0.44 -15.35
C PHE B 255 -17.82 -0.10 -16.54
N ASN B 256 -18.24 1.16 -16.61
CA ASN B 256 -19.16 1.62 -17.65
C ASN B 256 -19.02 3.10 -18.00
N ARG B 257 -18.24 3.40 -19.04
CA ARG B 257 -18.01 4.79 -19.45
C ARG B 257 -19.27 5.35 -20.05
N ASP B 258 -19.28 6.65 -20.30
CA ASP B 258 -20.45 7.33 -20.89
C ASP B 258 -21.69 7.20 -20.01
N LEU B 259 -21.50 6.69 -18.79
CA LEU B 259 -22.60 6.55 -17.85
C LEU B 259 -22.69 7.77 -16.92
N VAL B 260 -21.55 8.43 -16.72
CA VAL B 260 -21.47 9.63 -15.91
C VAL B 260 -20.97 10.80 -16.75
N PRO B 261 -21.75 11.86 -16.82
CA PRO B 261 -21.43 13.08 -17.56
C PRO B 261 -20.12 13.75 -17.15
N ASP B 262 -19.32 14.16 -18.13
CA ASP B 262 -17.99 14.71 -17.87
C ASP B 262 -18.05 15.98 -17.02
N TRP B 263 -19.12 16.74 -17.18
CA TRP B 263 -19.29 17.98 -16.41
C TRP B 263 -19.41 17.66 -14.92
N LEU B 264 -19.93 16.48 -14.61
CA LEU B 264 -20.13 16.04 -13.23
C LEU B 264 -18.83 15.51 -12.65
N PHE B 265 -18.12 14.74 -13.45
CA PHE B 265 -16.84 14.20 -13.03
C PHE B 265 -15.95 15.36 -12.59
N VAL B 266 -16.11 16.52 -13.21
CA VAL B 266 -15.33 17.70 -12.86
C VAL B 266 -15.92 18.39 -11.64
N ALA B 267 -17.23 18.24 -11.48
CA ALA B 267 -17.98 18.84 -10.35
C ALA B 267 -17.51 18.23 -9.04
N PHE B 268 -17.58 16.91 -8.97
CA PHE B 268 -17.12 16.19 -7.78
C PHE B 268 -15.64 16.39 -7.51
N ASN B 269 -14.89 16.72 -8.56
CA ASN B 269 -13.47 16.99 -8.41
C ASN B 269 -13.24 18.31 -7.68
N TRP B 270 -14.05 19.33 -8.03
CA TRP B 270 -13.94 20.62 -7.36
C TRP B 270 -14.52 20.57 -5.98
N LEU B 271 -15.39 19.59 -5.74
CA LEU B 271 -15.93 19.35 -4.40
C LEU B 271 -14.79 18.99 -3.45
N GLY B 272 -13.88 18.15 -3.93
CA GLY B 272 -12.68 17.73 -3.19
C GLY B 272 -11.60 18.82 -3.12
N TYR B 273 -11.71 19.79 -4.01
CA TYR B 273 -10.82 20.91 -3.96
C TYR B 273 -11.19 21.82 -2.82
N ALA B 274 -12.50 22.06 -2.65
CA ALA B 274 -12.97 22.99 -1.62
C ALA B 274 -12.60 22.51 -0.23
N ASN B 275 -12.42 21.19 -0.08
CA ASN B 275 -12.05 20.56 1.19
C ASN B 275 -10.77 21.11 1.82
N SER B 276 -9.96 21.75 1.00
CA SER B 276 -8.70 22.32 1.46
C SER B 276 -8.92 23.56 2.31
N ALA B 277 -10.00 24.27 2.04
CA ALA B 277 -10.32 25.50 2.77
C ALA B 277 -11.22 25.23 3.97
N MET B 278 -11.83 24.07 4.00
CA MET B 278 -12.77 23.71 5.06
C MET B 278 -12.08 23.46 6.40
N ASN B 279 -10.78 23.18 6.38
CA ASN B 279 -10.06 22.86 7.61
C ASN B 279 -9.93 24.05 8.57
N PRO B 280 -9.33 25.16 8.12
CA PRO B 280 -9.17 26.30 9.02
C PRO B 280 -10.48 26.76 9.66
N ILE B 281 -11.56 26.64 8.92
CA ILE B 281 -12.88 27.03 9.41
C ILE B 281 -13.33 26.15 10.57
N ILE B 282 -13.05 24.84 10.47
CA ILE B 282 -13.46 23.87 11.49
C ILE B 282 -12.58 23.96 12.74
N TYR B 283 -11.40 24.54 12.61
CA TYR B 283 -10.51 24.71 13.75
C TYR B 283 -10.94 25.84 14.67
N CYS B 284 -11.94 26.61 14.26
CA CYS B 284 -12.51 27.67 15.11
C CYS B 284 -13.45 27.14 16.19
N ARG B 285 -13.61 25.82 16.24
CA ARG B 285 -14.31 25.16 17.32
C ARG B 285 -13.47 25.18 18.58
N SER B 286 -12.17 24.96 18.42
CA SER B 286 -11.25 25.00 19.56
C SER B 286 -11.03 26.44 20.02
N PRO B 287 -11.23 26.69 21.33
CA PRO B 287 -11.01 28.01 21.93
C PRO B 287 -9.59 28.54 21.67
N ASP B 288 -8.59 27.67 21.82
CA ASP B 288 -7.21 28.05 21.60
C ASP B 288 -7.01 28.63 20.20
N PHE B 289 -7.34 27.84 19.18
CA PHE B 289 -7.23 28.26 17.80
C PHE B 289 -7.99 29.56 17.59
N ARG B 290 -9.24 29.57 18.05
CA ARG B 290 -10.13 30.72 17.86
C ARG B 290 -9.53 32.01 18.42
N LYS B 291 -8.80 31.88 19.52
CA LYS B 291 -8.14 33.03 20.15
C LYS B 291 -6.84 33.39 19.43
N ALA B 292 -6.20 32.39 18.84
CA ALA B 292 -4.93 32.58 18.16
C ALA B 292 -5.12 33.27 16.81
N PHE B 293 -6.25 32.99 16.14
CA PHE B 293 -6.55 33.59 14.84
C PHE B 293 -6.83 35.08 14.98
N LYS B 294 -7.28 35.49 16.16
CA LYS B 294 -7.61 36.89 16.42
C LYS B 294 -6.37 37.73 16.70
N ARG B 295 -5.34 37.09 17.24
CA ARG B 295 -4.08 37.76 17.53
C ARG B 295 -3.38 38.20 16.26
N LEU B 296 -3.45 37.36 15.24
CA LEU B 296 -2.74 37.59 13.98
C LEU B 296 -3.49 38.52 13.05
N LEU B 297 -4.81 38.34 12.98
CA LEU B 297 -5.67 39.16 12.11
C LEU B 297 -5.78 40.62 12.57
N ALA B 298 -5.11 40.94 13.67
CA ALA B 298 -5.10 42.27 14.24
C ALA B 298 -6.52 42.71 14.60
N PHE B 299 -7.03 42.17 15.70
CA PHE B 299 -8.36 42.53 16.22
C PHE B 299 -8.27 43.14 17.63
#